data_3INQ
#
_entry.id   3INQ
#
_cell.length_a   62.588
_cell.length_b   68.214
_cell.length_c   71.401
_cell.angle_alpha   90.00
_cell.angle_beta   90.00
_cell.angle_gamma   90.00
#
_symmetry.space_group_name_H-M   'P 21 21 21'
#
loop_
_entity.id
_entity.type
_entity.pdbx_description
1 polymer 'Bcl-2-like protein 1'
2 non-polymer 4-[4-(biphenyl-3-ylmethyl)piperazin-1-yl]-N-{[4-({(1R)-3-(dimethylamino)-1-[(phenylsulfanyl)methyl]propyl}amino)-3-nitrophenyl]sulfonyl}benzamide
3 non-polymer 1,2-ETHANEDIOL
4 non-polymer 'CHLORIDE ION'
5 water water
#
_entity_poly.entity_id   1
_entity_poly.type   'polypeptide(L)'
_entity_poly.pdbx_seq_one_letter_code
;GPLGSMSQSNRELVVDFLSYKLSQKGYSWSQMAAVKQALREAGDEFELRYRRAFSDLTSQLHITPGTAYQSFEQVVNELF
RDGVNWGRIVAFFSFGGALCVESVDKEMQVLVSRIAAWMATYLNDHLEPWIQENGGWDTFVELYGNNAAAESRKGQER
;
_entity_poly.pdbx_strand_id   A,B
#
# COMPACT_ATOMS: atom_id res chain seq x y z
N GLN A 8 -5.33 7.99 -12.58
CA GLN A 8 -5.05 9.29 -11.98
C GLN A 8 -5.27 9.28 -10.47
N SER A 9 -5.25 10.47 -9.87
CA SER A 9 -5.26 10.62 -8.41
C SER A 9 -6.40 9.90 -7.71
N ASN A 10 -7.64 10.22 -8.07
CA ASN A 10 -8.80 9.66 -7.38
C ASN A 10 -8.89 8.15 -7.51
N ARG A 11 -8.47 7.65 -8.66
CA ARG A 11 -8.49 6.24 -8.94
C ARG A 11 -7.46 5.50 -8.09
N GLU A 12 -6.28 6.09 -7.94
CA GLU A 12 -5.20 5.46 -7.19
C GLU A 12 -5.55 5.41 -5.74
N LEU A 13 -6.21 6.47 -5.25
CA LEU A 13 -6.68 6.51 -3.87
C LEU A 13 -7.70 5.38 -3.61
N VAL A 14 -8.72 5.30 -4.44
CA VAL A 14 -9.68 4.19 -4.40
C VAL A 14 -9.02 2.80 -4.38
N VAL A 15 -8.09 2.57 -5.32
CA VAL A 15 -7.45 1.26 -5.39
C VAL A 15 -6.62 1.00 -4.14
N ASP A 16 -5.89 2.01 -3.69
CA ASP A 16 -5.09 1.85 -2.50
C ASP A 16 -5.95 1.52 -1.28
N PHE A 17 -7.03 2.27 -1.11
CA PHE A 17 -7.86 2.10 0.09
C PHE A 17 -8.56 0.74 0.08
N LEU A 18 -9.08 0.36 -1.09
CA LEU A 18 -9.75 -0.91 -1.21
C LEU A 18 -8.75 -2.05 -1.03
N SER A 19 -7.52 -1.87 -1.52
CA SER A 19 -6.53 -2.96 -1.36
C SER A 19 -6.31 -3.19 0.11
N TYR A 20 -6.23 -2.06 0.84
CA TYR A 20 -5.99 -2.09 2.28
C TYR A 20 -7.14 -2.80 3.03
N LYS A 21 -8.37 -2.36 2.79
CA LYS A 21 -9.51 -2.95 3.51
C LYS A 21 -9.66 -4.44 3.22
N LEU A 22 -9.43 -4.80 1.97
CA LEU A 22 -9.43 -6.21 1.59
C LEU A 22 -8.33 -6.99 2.32
N SER A 23 -7.11 -6.43 2.36
CA SER A 23 -5.98 -7.12 2.99
C SER A 23 -6.24 -7.39 4.47
N GLN A 24 -7.01 -6.50 5.12
CA GLN A 24 -7.33 -6.65 6.56
C GLN A 24 -8.15 -7.91 6.86
N LYS A 25 -8.85 -8.40 5.84
CA LYS A 25 -9.68 -9.59 5.96
C LYS A 25 -9.02 -10.77 5.24
N GLY A 26 -7.78 -10.60 4.78
CA GLY A 26 -7.07 -11.69 4.13
C GLY A 26 -7.39 -11.82 2.65
N TYR A 27 -8.06 -10.80 2.11
CA TYR A 27 -8.38 -10.82 0.71
C TYR A 27 -7.42 -9.86 -0.01
N SER A 28 -7.60 -9.72 -1.33
CA SER A 28 -6.72 -8.84 -2.10
C SER A 28 -7.38 -8.26 -3.34
N TRP A 29 -6.95 -7.04 -3.67
CA TRP A 29 -7.47 -6.31 -4.81
C TRP A 29 -7.06 -6.91 -6.17
N SER A 30 -5.80 -7.35 -6.27
CA SER A 30 -5.27 -7.89 -7.52
C SER A 30 -4.06 -8.71 -7.16
N GLN A 31 -3.58 -9.52 -8.11
CA GLN A 31 -2.36 -10.28 -7.88
C GLN A 31 -1.16 -9.38 -7.48
N MET A 32 -1.01 -8.22 -8.14
CA MET A 32 0.05 -7.30 -7.78
C MET A 32 -0.13 -6.80 -6.32
N ALA A 33 -1.33 -6.36 -5.96
CA ALA A 33 -1.59 -5.97 -4.57
C ALA A 33 -1.26 -7.09 -3.60
N ALA A 34 -1.62 -8.32 -3.97
CA ALA A 34 -1.31 -9.46 -3.11
C ALA A 34 0.20 -9.61 -2.91
N VAL A 35 0.98 -9.47 -3.97
CA VAL A 35 2.45 -9.48 -3.84
C VAL A 35 2.95 -8.35 -2.90
N LYS A 36 2.55 -7.11 -3.19
CA LYS A 36 2.91 -5.97 -2.32
C LYS A 36 2.63 -6.23 -0.85
N GLN A 37 1.38 -6.59 -0.56
CA GLN A 37 0.96 -6.83 0.80
C GLN A 37 1.74 -7.97 1.42
N ALA A 38 1.93 -9.09 0.70
CA ALA A 38 2.74 -10.16 1.29
C ALA A 38 4.19 -9.72 1.59
N LEU A 39 4.76 -8.89 0.72
CA LEU A 39 6.14 -8.45 0.93
C LEU A 39 6.20 -7.51 2.15
N ARG A 40 5.24 -6.58 2.23
CA ARG A 40 5.16 -5.67 3.37
C ARG A 40 5.12 -6.48 4.64
N GLU A 41 4.26 -7.49 4.61
CA GLU A 41 4.04 -8.32 5.80
C GLU A 41 5.25 -9.16 6.17
N ALA A 42 5.87 -9.79 5.16
CA ALA A 42 7.07 -10.59 5.39
C ALA A 42 8.19 -9.73 5.95
N GLY A 43 8.30 -8.49 5.46
CA GLY A 43 9.30 -7.58 5.99
C GLY A 43 9.10 -7.27 7.47
N ASP A 44 7.88 -6.89 7.85
CA ASP A 44 7.58 -6.62 9.27
C ASP A 44 7.96 -7.84 10.09
N GLU A 45 7.65 -9.03 9.56
CA GLU A 45 7.82 -10.23 10.37
C GLU A 45 9.30 -10.58 10.47
N PHE A 46 10.02 -10.43 9.35
CA PHE A 46 11.46 -10.59 9.36
C PHE A 46 12.15 -9.70 10.41
N GLU A 47 11.77 -8.44 10.38
CA GLU A 47 12.31 -7.42 11.27
C GLU A 47 11.99 -7.72 12.74
N LEU A 48 10.84 -8.31 12.99
CA LEU A 48 10.44 -8.69 14.36
C LEU A 48 11.19 -9.95 14.80
N ARG A 49 11.20 -10.99 13.96
CA ARG A 49 11.93 -12.25 14.23
C ARG A 49 13.43 -12.14 14.28
N TYR A 50 14.03 -11.27 13.46
CA TYR A 50 15.49 -11.12 13.49
C TYR A 50 15.90 -9.67 13.81
N ARG A 51 15.42 -9.15 14.95
CA ARG A 51 15.67 -7.76 15.29
C ARG A 51 17.15 -7.48 15.57
N ARG A 52 17.78 -8.33 16.37
CA ARG A 52 19.22 -8.19 16.64
C ARG A 52 20.08 -8.18 15.37
N ALA A 53 19.88 -9.18 14.51
CA ALA A 53 20.62 -9.32 13.26
C ALA A 53 20.34 -8.20 12.25
N PHE A 54 19.07 -7.80 12.17
CA PHE A 54 18.63 -6.65 11.36
C PHE A 54 19.57 -5.46 11.62
N SER A 55 19.82 -5.18 12.91
CA SER A 55 20.70 -4.09 13.32
C SER A 55 22.13 -4.21 12.75
N ASP A 56 22.71 -5.40 12.86
CA ASP A 56 24.03 -5.65 12.30
C ASP A 56 24.09 -5.29 10.81
N LEU A 57 23.13 -5.77 10.02
CA LEU A 57 23.17 -5.56 8.57
C LEU A 57 23.07 -4.06 8.23
N THR A 58 22.26 -3.33 8.99
CA THR A 58 22.00 -1.91 8.71
C THR A 58 23.06 -0.94 9.23
N SER A 59 23.87 -1.41 10.19
CA SER A 59 24.96 -0.59 10.74
C SER A 59 26.30 -0.91 10.06
N GLN A 60 26.25 -1.62 8.94
CA GLN A 60 27.44 -1.91 8.14
C GLN A 60 27.39 -1.20 6.77
N LEU A 61 26.51 -0.22 6.67
CA LEU A 61 26.52 0.71 5.55
C LEU A 61 25.95 2.05 6.00
N HIS A 62 26.80 3.06 6.01
CA HIS A 62 26.28 4.43 6.07
C HIS A 62 26.21 4.97 4.63
N ILE A 63 25.02 5.46 4.29
CA ILE A 63 24.77 6.03 2.99
C ILE A 63 25.03 7.51 3.12
N THR A 64 25.85 8.02 2.21
CA THR A 64 25.98 9.44 1.97
C THR A 64 25.74 9.69 0.48
N PRO A 65 25.55 10.96 0.12
CA PRO A 65 25.53 11.25 -1.31
C PRO A 65 26.82 10.79 -2.00
N GLY A 66 27.84 10.42 -1.24
CA GLY A 66 29.06 9.91 -1.83
C GLY A 66 29.11 8.41 -2.10
N THR A 67 28.24 7.62 -1.47
CA THR A 67 28.46 6.19 -1.63
C THR A 67 28.12 5.69 -3.05
N ALA A 68 28.94 4.78 -3.56
CA ALA A 68 28.75 4.26 -4.92
C ALA A 68 27.89 2.99 -4.91
N TYR A 69 27.24 2.74 -6.04
CA TYR A 69 26.42 1.56 -6.20
C TYR A 69 27.20 0.27 -5.93
N GLN A 70 28.36 0.15 -6.58
CA GLN A 70 29.23 -1.03 -6.44
C GLN A 70 29.42 -1.36 -4.99
N SER A 71 29.34 -0.36 -4.15
CA SER A 71 29.47 -0.63 -2.73
C SER A 71 28.18 -1.13 -2.07
N PHE A 72 27.03 -0.74 -2.62
CA PHE A 72 25.73 -1.27 -2.18
C PHE A 72 25.70 -2.72 -2.62
N GLU A 73 26.09 -2.94 -3.86
CA GLU A 73 26.16 -4.27 -4.46
C GLU A 73 26.98 -5.28 -3.62
N GLN A 74 28.15 -4.87 -3.13
CA GLN A 74 29.00 -5.82 -2.42
C GLN A 74 28.49 -6.08 -1.02
N VAL A 75 27.86 -5.09 -0.39
CA VAL A 75 27.18 -5.41 0.84
C VAL A 75 26.05 -6.43 0.63
N VAL A 76 25.24 -6.20 -0.41
CA VAL A 76 24.05 -7.03 -0.63
C VAL A 76 24.53 -8.41 -1.03
N ASN A 77 25.64 -8.44 -1.77
CA ASN A 77 26.21 -9.72 -2.13
C ASN A 77 26.52 -10.58 -0.91
N GLU A 78 26.99 -9.95 0.16
CA GLU A 78 27.26 -10.65 1.41
C GLU A 78 26.00 -11.36 1.90
N LEU A 79 24.86 -10.69 1.72
CA LEU A 79 23.60 -11.26 2.15
C LEU A 79 23.23 -12.54 1.40
N PHE A 80 23.63 -12.62 0.13
CA PHE A 80 23.34 -13.82 -0.68
C PHE A 80 24.54 -14.73 -0.81
N ARG A 81 25.52 -14.53 0.06
CA ARG A 81 26.65 -15.42 0.18
C ARG A 81 26.22 -16.89 0.19
N ASP A 82 24.95 -17.14 0.49
CA ASP A 82 24.42 -18.50 0.42
C ASP A 82 23.45 -18.71 -0.73
N GLY A 83 23.54 -17.85 -1.74
CA GLY A 83 22.57 -17.88 -2.83
C GLY A 83 21.14 -17.62 -2.39
N VAL A 84 20.30 -17.28 -3.37
CA VAL A 84 18.94 -16.81 -3.09
C VAL A 84 18.01 -17.82 -2.39
N ASN A 85 17.13 -17.30 -1.51
CA ASN A 85 15.87 -17.95 -1.15
C ASN A 85 14.89 -16.83 -0.87
N TRP A 86 13.61 -17.11 -0.62
CA TRP A 86 12.68 -15.99 -0.52
C TRP A 86 13.02 -15.10 0.67
N GLY A 87 13.42 -15.69 1.79
CA GLY A 87 13.68 -14.90 2.99
C GLY A 87 14.85 -13.94 2.83
N ARG A 88 15.88 -14.35 2.10
CA ARG A 88 16.99 -13.43 1.85
C ARG A 88 16.56 -12.26 0.95
N ILE A 89 15.61 -12.52 0.07
CA ILE A 89 15.06 -11.46 -0.76
C ILE A 89 14.28 -10.45 0.08
N VAL A 90 13.47 -10.95 1.01
CA VAL A 90 12.74 -10.09 1.93
C VAL A 90 13.74 -9.26 2.73
N ALA A 91 14.78 -9.92 3.24
CA ALA A 91 15.82 -9.22 4.00
C ALA A 91 16.46 -8.09 3.14
N PHE A 92 16.62 -8.35 1.86
CA PHE A 92 17.17 -7.35 0.94
C PHE A 92 16.21 -6.14 0.89
N PHE A 93 14.91 -6.40 0.74
CA PHE A 93 13.95 -5.29 0.79
C PHE A 93 14.03 -4.56 2.16
N SER A 94 14.01 -5.29 3.29
CA SER A 94 14.12 -4.62 4.59
C SER A 94 15.37 -3.76 4.72
N PHE A 95 16.50 -4.29 4.24
CA PHE A 95 17.76 -3.57 4.27
C PHE A 95 17.65 -2.26 3.51
N GLY A 96 17.10 -2.34 2.30
CA GLY A 96 16.85 -1.13 1.52
C GLY A 96 15.95 -0.14 2.25
N GLY A 97 14.91 -0.68 2.87
CA GLY A 97 13.97 0.13 3.61
C GLY A 97 14.69 0.84 4.76
N ALA A 98 15.63 0.16 5.41
CA ALA A 98 16.30 0.73 6.58
C ALA A 98 17.27 1.80 6.12
N LEU A 99 17.95 1.55 4.99
CA LEU A 99 18.76 2.57 4.36
C LEU A 99 18.01 3.88 4.07
N CYS A 100 16.80 3.75 3.52
CA CYS A 100 15.98 4.91 3.17
C CYS A 100 15.55 5.63 4.43
N VAL A 101 15.21 4.87 5.45
CA VAL A 101 14.76 5.52 6.70
C VAL A 101 15.93 6.29 7.32
N GLU A 102 17.12 5.69 7.32
CA GLU A 102 18.28 6.38 7.89
C GLU A 102 18.58 7.63 7.05
N SER A 103 18.27 7.58 5.76
CA SER A 103 18.57 8.70 4.88
C SER A 103 17.69 9.90 5.20
N VAL A 104 16.43 9.64 5.51
CA VAL A 104 15.47 10.65 5.93
C VAL A 104 15.77 11.13 7.36
N ASP A 105 16.23 10.22 8.21
CA ASP A 105 16.65 10.59 9.58
C ASP A 105 17.79 11.60 9.49
N LYS A 106 18.68 11.39 8.55
CA LYS A 106 19.83 12.27 8.40
C LYS A 106 19.54 13.44 7.43
N GLU A 107 18.27 13.76 7.23
CA GLU A 107 17.87 14.89 6.41
C GLU A 107 18.33 14.80 4.97
N MET A 108 18.49 13.58 4.48
CA MET A 108 18.80 13.42 3.06
C MET A 108 17.80 12.54 2.34
N GLN A 109 16.52 12.88 2.48
CA GLN A 109 15.49 12.18 1.72
C GLN A 109 15.77 12.19 0.21
N VAL A 110 16.63 13.08 -0.27
CA VAL A 110 16.96 13.11 -1.68
C VAL A 110 17.71 11.83 -2.09
N LEU A 111 18.28 11.13 -1.12
CA LEU A 111 18.98 9.85 -1.41
C LEU A 111 18.02 8.66 -1.61
N VAL A 112 16.78 8.83 -1.17
CA VAL A 112 15.84 7.72 -1.22
C VAL A 112 15.64 7.28 -2.64
N SER A 113 15.46 8.24 -3.55
CA SER A 113 15.25 7.82 -4.93
C SER A 113 16.46 7.11 -5.55
N ARG A 114 17.68 7.46 -5.13
CA ARG A 114 18.88 6.75 -5.60
C ARG A 114 18.95 5.30 -5.05
N ILE A 115 18.68 5.17 -3.77
CA ILE A 115 18.59 3.84 -3.17
C ILE A 115 17.54 2.95 -3.84
N ALA A 116 16.36 3.51 -4.09
CA ALA A 116 15.33 2.83 -4.84
C ALA A 116 15.84 2.36 -6.22
N ALA A 117 16.51 3.23 -6.98
CA ALA A 117 17.12 2.82 -8.25
C ALA A 117 18.14 1.68 -8.04
N TRP A 118 18.95 1.79 -6.98
CA TRP A 118 19.95 0.77 -6.74
C TRP A 118 19.28 -0.55 -6.51
N MET A 119 18.23 -0.53 -5.70
CA MET A 119 17.50 -1.76 -5.41
C MET A 119 16.90 -2.34 -6.70
N ALA A 120 16.27 -1.51 -7.52
CA ALA A 120 15.72 -2.02 -8.79
C ALA A 120 16.79 -2.62 -9.71
N THR A 121 17.97 -1.99 -9.72
CA THR A 121 19.10 -2.53 -10.48
C THR A 121 19.54 -3.90 -9.98
N TYR A 122 19.78 -3.99 -8.69
CA TYR A 122 20.22 -5.26 -8.13
C TYR A 122 19.15 -6.33 -8.36
N LEU A 123 17.90 -5.97 -8.11
CA LEU A 123 16.80 -6.89 -8.30
C LEU A 123 16.74 -7.40 -9.75
N ASN A 124 16.78 -6.49 -10.71
CA ASN A 124 16.60 -6.92 -12.08
C ASN A 124 17.81 -7.61 -12.69
N ASP A 125 19.02 -7.22 -12.30
CA ASP A 125 20.21 -7.89 -12.74
C ASP A 125 20.38 -9.30 -12.16
N HIS A 126 20.43 -9.40 -10.81
CA HIS A 126 20.79 -10.64 -10.11
C HIS A 126 19.63 -11.52 -9.69
N LEU A 127 18.56 -10.87 -9.25
CA LEU A 127 17.52 -11.58 -8.53
C LEU A 127 16.35 -12.00 -9.40
N GLU A 128 15.99 -11.21 -10.40
CA GLU A 128 14.82 -11.55 -11.23
C GLU A 128 14.97 -12.94 -11.91
N PRO A 129 16.18 -13.27 -12.40
CA PRO A 129 16.37 -14.58 -13.04
C PRO A 129 16.10 -15.76 -12.07
N TRP A 130 16.55 -15.62 -10.82
CA TRP A 130 16.15 -16.57 -9.79
C TRP A 130 14.64 -16.57 -9.57
N ILE A 131 14.05 -15.39 -9.39
CA ILE A 131 12.61 -15.29 -9.12
C ILE A 131 11.78 -16.02 -10.18
N GLN A 132 12.08 -15.73 -11.45
CA GLN A 132 11.45 -16.43 -12.60
C GLN A 132 11.58 -17.95 -12.51
N GLU A 133 12.79 -18.41 -12.19
CA GLU A 133 13.04 -19.85 -12.04
C GLU A 133 12.36 -20.47 -10.87
N ASN A 134 12.01 -19.68 -9.86
CA ASN A 134 11.43 -20.29 -8.66
C ASN A 134 9.94 -20.01 -8.49
N GLY A 135 9.24 -19.91 -9.61
CA GLY A 135 7.80 -19.77 -9.56
C GLY A 135 7.28 -18.34 -9.56
N GLY A 136 8.19 -17.37 -9.56
CA GLY A 136 7.81 -15.97 -9.66
C GLY A 136 7.22 -15.46 -8.36
N TRP A 137 6.86 -14.18 -8.32
CA TRP A 137 6.30 -13.59 -7.11
C TRP A 137 4.98 -14.29 -6.68
N ASP A 138 4.17 -14.70 -7.67
CA ASP A 138 2.93 -15.43 -7.39
C ASP A 138 3.23 -16.64 -6.50
N THR A 139 4.39 -17.26 -6.71
CA THR A 139 4.75 -18.38 -5.84
C THR A 139 5.14 -17.92 -4.46
N PHE A 140 5.84 -16.79 -4.37
CA PHE A 140 6.07 -16.19 -3.05
C PHE A 140 4.75 -16.00 -2.28
N VAL A 141 3.75 -15.44 -2.94
CA VAL A 141 2.44 -15.19 -2.30
C VAL A 141 1.80 -16.49 -1.79
N GLU A 142 1.88 -17.54 -2.60
CA GLU A 142 1.30 -18.85 -2.21
C GLU A 142 1.98 -19.43 -0.97
N LEU A 143 3.28 -19.16 -0.83
CA LEU A 143 4.06 -19.78 0.25
C LEU A 143 4.05 -19.04 1.56
N TYR A 144 4.14 -17.72 1.47
CA TYR A 144 4.46 -16.88 2.63
C TYR A 144 3.48 -15.74 2.76
N GLY A 145 2.59 -15.63 1.79
CA GLY A 145 1.44 -14.78 1.96
C GLY A 145 0.65 -15.31 3.14
N MET B 6 8.52 -6.79 -16.65
CA MET B 6 8.79 -7.54 -15.41
C MET B 6 9.69 -6.74 -14.46
N SER B 7 10.51 -5.88 -15.04
CA SER B 7 11.31 -4.98 -14.25
C SER B 7 10.49 -3.75 -13.87
N GLN B 8 9.42 -3.46 -14.63
CA GLN B 8 8.48 -2.38 -14.26
C GLN B 8 7.70 -2.83 -13.01
N SER B 9 7.31 -4.10 -13.00
CA SER B 9 6.73 -4.74 -11.83
C SER B 9 7.67 -4.65 -10.62
N ASN B 10 8.92 -5.06 -10.81
CA ASN B 10 9.89 -5.03 -9.72
C ASN B 10 10.11 -3.60 -9.23
N ARG B 11 10.19 -2.65 -10.15
CA ARG B 11 10.29 -1.24 -9.77
C ARG B 11 9.07 -0.78 -8.91
N GLU B 12 7.88 -1.14 -9.35
CA GLU B 12 6.68 -0.86 -8.59
C GLU B 12 6.68 -1.45 -7.17
N LEU B 13 7.19 -2.68 -7.08
CA LEU B 13 7.35 -3.36 -5.82
C LEU B 13 8.33 -2.60 -4.90
N VAL B 14 9.48 -2.19 -5.42
CA VAL B 14 10.46 -1.43 -4.64
C VAL B 14 9.78 -0.17 -4.09
N VAL B 15 9.10 0.57 -4.95
CA VAL B 15 8.50 1.82 -4.50
C VAL B 15 7.48 1.51 -3.41
N ASP B 16 6.67 0.47 -3.63
CA ASP B 16 5.62 0.18 -2.66
C ASP B 16 6.17 -0.16 -1.30
N PHE B 17 7.20 -1.01 -1.30
CA PHE B 17 7.80 -1.44 -0.05
C PHE B 17 8.46 -0.26 0.67
N LEU B 18 9.18 0.56 -0.09
CA LEU B 18 9.88 1.68 0.50
C LEU B 18 8.89 2.73 1.01
N SER B 19 7.85 2.97 0.24
CA SER B 19 6.82 3.86 0.73
C SER B 19 6.31 3.35 2.09
N TYR B 20 6.07 2.05 2.18
CA TYR B 20 5.56 1.47 3.44
C TYR B 20 6.52 1.71 4.60
N LYS B 21 7.79 1.32 4.45
CA LYS B 21 8.79 1.49 5.53
C LYS B 21 8.95 2.95 5.97
N LEU B 22 8.91 3.88 5.01
CA LEU B 22 8.97 5.29 5.37
C LEU B 22 7.73 5.66 6.22
N SER B 23 6.55 5.22 5.79
CA SER B 23 5.32 5.61 6.48
C SER B 23 5.30 5.13 7.94
N GLN B 24 5.93 3.98 8.20
CA GLN B 24 6.03 3.42 9.55
C GLN B 24 6.88 4.28 10.47
N LYS B 25 7.78 5.06 9.89
CA LYS B 25 8.60 5.95 10.71
C LYS B 25 8.08 7.40 10.69
N GLY B 26 6.85 7.58 10.19
CA GLY B 26 6.24 8.90 10.08
C GLY B 26 6.73 9.77 8.92
N TYR B 27 7.31 9.11 7.92
CA TYR B 27 7.78 9.76 6.71
C TYR B 27 6.90 9.39 5.51
N SER B 28 7.12 10.02 4.38
CA SER B 28 6.33 9.70 3.20
C SER B 28 7.13 9.71 1.89
N TRP B 29 6.85 8.73 1.03
CA TRP B 29 7.52 8.60 -0.25
C TRP B 29 7.24 9.83 -1.14
N SER B 30 6.01 10.31 -1.08
CA SER B 30 5.53 11.39 -1.94
C SER B 30 4.27 11.94 -1.30
N GLN B 31 3.70 13.01 -1.85
CA GLN B 31 2.45 13.54 -1.32
C GLN B 31 1.29 12.58 -1.51
N MET B 32 1.22 11.95 -2.69
CA MET B 32 0.18 10.97 -2.97
C MET B 32 0.27 9.79 -1.96
N ALA B 33 1.48 9.31 -1.71
CA ALA B 33 1.68 8.31 -0.66
C ALA B 33 1.20 8.83 0.72
N ALA B 34 1.46 10.09 1.01
CA ALA B 34 1.04 10.64 2.29
C ALA B 34 -0.50 10.68 2.42
N VAL B 35 -1.19 11.04 1.35
CA VAL B 35 -2.65 10.99 1.36
C VAL B 35 -3.11 9.55 1.54
N LYS B 36 -2.53 8.64 0.75
CA LYS B 36 -2.90 7.24 0.89
C LYS B 36 -2.90 6.78 2.34
N GLN B 37 -1.79 7.04 3.04
CA GLN B 37 -1.64 6.61 4.42
C GLN B 37 -2.64 7.32 5.34
N ALA B 38 -2.81 8.62 5.17
CA ALA B 38 -3.73 9.38 6.05
C ALA B 38 -5.16 8.86 5.88
N LEU B 39 -5.55 8.54 4.65
CA LEU B 39 -6.88 7.99 4.37
C LEU B 39 -7.08 6.56 4.92
N ARG B 40 -6.08 5.70 4.76
CA ARG B 40 -6.16 4.36 5.36
C ARG B 40 -6.36 4.49 6.86
N GLU B 41 -5.56 5.34 7.50
CA GLU B 41 -5.58 5.46 8.95
C GLU B 41 -6.89 6.10 9.43
N ALA B 42 -7.38 7.08 8.67
CA ALA B 42 -8.67 7.72 8.94
C ALA B 42 -9.79 6.70 8.88
N GLY B 43 -9.80 5.84 7.86
CA GLY B 43 -10.78 4.76 7.77
C GLY B 43 -10.72 3.82 8.95
N ASP B 44 -9.51 3.41 9.33
CA ASP B 44 -9.39 2.61 10.57
C ASP B 44 -10.02 3.33 11.77
N GLU B 45 -9.72 4.61 11.95
CA GLU B 45 -10.21 5.32 13.12
C GLU B 45 -11.72 5.54 13.05
N PHE B 46 -12.22 5.83 11.86
CA PHE B 46 -13.67 5.93 11.67
C PHE B 46 -14.39 4.65 12.11
N GLU B 47 -13.98 3.54 11.50
CA GLU B 47 -14.56 2.22 11.78
C GLU B 47 -14.49 1.82 13.27
N LEU B 48 -13.47 2.34 13.96
CA LEU B 48 -13.31 2.16 15.42
C LEU B 48 -14.25 3.08 16.23
N ARG B 49 -14.19 4.38 15.95
CA ARG B 49 -15.03 5.37 16.63
C ARG B 49 -16.51 5.22 16.33
N TYR B 50 -16.85 4.76 15.13
CA TYR B 50 -18.24 4.59 14.79
C TYR B 50 -18.56 3.15 14.51
N ARG B 51 -18.01 2.25 15.34
CA ARG B 51 -18.15 0.83 15.04
C ARG B 51 -19.56 0.31 15.12
N ARG B 52 -20.40 0.90 15.97
CA ARG B 52 -21.75 0.31 16.10
C ARG B 52 -22.56 0.57 14.85
N ALA B 53 -22.52 1.82 14.39
CA ALA B 53 -23.13 2.21 13.14
C ALA B 53 -22.45 1.50 11.96
N PHE B 54 -21.13 1.36 12.01
CA PHE B 54 -20.45 0.62 10.95
C PHE B 54 -20.86 -0.86 10.99
N SER B 55 -20.88 -1.46 12.18
CA SER B 55 -21.18 -2.90 12.26
C SER B 55 -22.60 -3.23 11.75
N ASP B 56 -23.57 -2.45 12.18
CA ASP B 56 -24.97 -2.59 11.74
C ASP B 56 -25.05 -2.51 10.23
N LEU B 57 -24.36 -1.53 9.66
CA LEU B 57 -24.33 -1.36 8.23
C LEU B 57 -23.76 -2.58 7.51
N THR B 58 -22.70 -3.18 8.04
CA THR B 58 -22.09 -4.37 7.43
C THR B 58 -22.93 -5.65 7.56
N SER B 59 -23.88 -5.67 8.49
CA SER B 59 -24.78 -6.82 8.63
C SER B 59 -25.98 -6.65 7.69
N GLN B 60 -26.16 -5.41 7.22
CA GLN B 60 -27.28 -5.01 6.38
C GLN B 60 -26.94 -5.00 4.86
N LEU B 61 -25.76 -5.53 4.52
CA LEU B 61 -25.29 -5.54 3.13
C LEU B 61 -25.73 -6.80 2.40
N HIS B 62 -26.55 -6.64 1.39
CA HIS B 62 -26.88 -7.75 0.50
C HIS B 62 -26.90 -7.24 -0.94
N ILE B 63 -25.79 -7.54 -1.63
CA ILE B 63 -25.59 -7.10 -2.99
C ILE B 63 -25.59 -8.32 -3.87
N THR B 64 -25.83 -8.12 -5.16
CA THR B 64 -25.83 -9.21 -6.12
C THR B 64 -25.03 -8.78 -7.36
N PRO B 65 -24.54 -9.74 -8.16
CA PRO B 65 -23.74 -9.40 -9.34
C PRO B 65 -24.51 -8.45 -10.25
N GLY B 66 -25.82 -8.45 -10.11
CA GLY B 66 -26.65 -7.61 -10.95
C GLY B 66 -26.75 -6.18 -10.49
N THR B 67 -26.32 -5.86 -9.27
CA THR B 67 -26.55 -4.51 -8.79
C THR B 67 -25.84 -3.44 -9.64
N ALA B 68 -26.54 -2.32 -9.81
CA ALA B 68 -26.20 -1.30 -10.77
C ALA B 68 -25.57 -0.07 -10.09
N TYR B 69 -24.78 0.70 -10.82
CA TYR B 69 -24.19 1.91 -10.24
C TYR B 69 -25.24 2.94 -9.78
N GLN B 70 -26.43 2.89 -10.37
CA GLN B 70 -27.45 3.88 -10.02
C GLN B 70 -27.86 3.66 -8.58
N SER B 71 -27.97 2.39 -8.21
CA SER B 71 -28.33 2.01 -6.85
C SER B 71 -27.30 2.46 -5.83
N PHE B 72 -26.03 2.17 -6.10
CA PHE B 72 -24.94 2.62 -5.24
C PHE B 72 -24.98 4.16 -5.11
N GLU B 73 -25.14 4.86 -6.22
CA GLU B 73 -25.17 6.32 -6.20
C GLU B 73 -26.37 6.81 -5.39
N GLN B 74 -27.46 6.06 -5.41
CA GLN B 74 -28.64 6.41 -4.63
C GLN B 74 -28.35 6.29 -3.13
N VAL B 75 -27.67 5.22 -2.74
CA VAL B 75 -27.30 5.02 -1.34
C VAL B 75 -26.31 6.06 -0.80
N VAL B 76 -25.22 6.34 -1.53
CA VAL B 76 -24.26 7.28 -0.97
C VAL B 76 -24.75 8.73 -1.09
N ASN B 77 -25.65 9.00 -2.02
CA ASN B 77 -26.30 10.30 -2.04
C ASN B 77 -26.96 10.57 -0.71
N GLU B 78 -27.51 9.52 -0.11
CA GLU B 78 -28.13 9.69 1.20
C GLU B 78 -27.06 10.15 2.19
N LEU B 79 -25.90 9.50 2.20
CA LEU B 79 -24.79 9.91 3.07
C LEU B 79 -24.46 11.40 2.94
N PHE B 80 -24.53 11.89 1.70
CA PHE B 80 -24.12 13.28 1.43
C PHE B 80 -25.32 14.24 1.26
N ARG B 81 -26.50 13.85 1.72
CA ARG B 81 -27.67 14.70 1.54
C ARG B 81 -27.41 16.11 2.10
N ASP B 82 -27.01 16.17 3.38
CA ASP B 82 -26.87 17.46 4.09
C ASP B 82 -25.61 18.27 3.76
N GLY B 83 -24.72 17.72 2.96
CA GLY B 83 -23.47 18.39 2.70
C GLY B 83 -22.35 17.37 2.58
N VAL B 84 -21.20 17.86 2.17
CA VAL B 84 -19.99 17.07 2.10
C VAL B 84 -19.08 17.54 3.23
N ASN B 85 -18.41 16.62 3.91
CA ASN B 85 -17.25 16.98 4.71
C ASN B 85 -16.20 15.86 4.62
N TRP B 86 -14.99 16.10 5.10
CA TRP B 86 -13.97 15.05 5.04
C TRP B 86 -14.51 13.79 5.69
N GLY B 87 -15.13 13.94 6.86
CA GLY B 87 -15.64 12.80 7.61
C GLY B 87 -16.54 11.90 6.77
N ARG B 88 -17.44 12.48 5.99
CA ARG B 88 -18.35 11.65 5.19
C ARG B 88 -17.61 11.05 3.98
N ILE B 89 -16.64 11.79 3.45
CA ILE B 89 -15.77 11.22 2.43
C ILE B 89 -15.06 9.97 2.95
N VAL B 90 -14.47 10.04 4.15
CA VAL B 90 -13.88 8.84 4.76
C VAL B 90 -14.93 7.73 4.91
N ALA B 91 -16.13 8.09 5.39
CA ALA B 91 -17.21 7.10 5.50
C ALA B 91 -17.55 6.42 4.16
N PHE B 92 -17.53 7.23 3.09
CA PHE B 92 -17.77 6.74 1.75
C PHE B 92 -16.71 5.66 1.34
N PHE B 93 -15.44 5.96 1.60
CA PHE B 93 -14.37 4.98 1.36
C PHE B 93 -14.59 3.70 2.20
N SER B 94 -14.82 3.86 3.52
CA SER B 94 -15.12 2.72 4.40
C SER B 94 -16.30 1.91 3.87
N PHE B 95 -17.29 2.62 3.35
CA PHE B 95 -18.45 1.95 2.74
C PHE B 95 -18.05 1.07 1.56
N GLY B 96 -17.29 1.64 0.63
CA GLY B 96 -16.77 0.89 -0.50
C GLY B 96 -15.99 -0.35 -0.08
N GLY B 97 -15.17 -0.20 0.96
CA GLY B 97 -14.33 -1.30 1.39
C GLY B 97 -15.20 -2.41 1.93
N ALA B 98 -16.20 -2.04 2.74
CA ALA B 98 -17.10 -3.05 3.28
C ALA B 98 -17.88 -3.78 2.18
N LEU B 99 -18.31 -3.06 1.14
CA LEU B 99 -18.93 -3.65 -0.07
C LEU B 99 -18.06 -4.68 -0.77
N CYS B 100 -16.78 -4.33 -0.92
CA CYS B 100 -15.81 -5.23 -1.56
C CYS B 100 -15.60 -6.47 -0.72
N VAL B 101 -15.40 -6.29 0.58
CA VAL B 101 -15.25 -7.45 1.48
C VAL B 101 -16.50 -8.33 1.42
N GLU B 102 -17.68 -7.73 1.41
CA GLU B 102 -18.91 -8.53 1.28
C GLU B 102 -18.96 -9.28 -0.06
N SER B 103 -18.63 -8.60 -1.15
CA SER B 103 -18.58 -9.25 -2.45
C SER B 103 -17.68 -10.48 -2.41
N VAL B 104 -16.46 -10.33 -1.88
CA VAL B 104 -15.52 -11.47 -1.85
C VAL B 104 -16.06 -12.59 -0.93
N ASP B 105 -16.52 -12.21 0.26
CA ASP B 105 -17.19 -13.16 1.17
C ASP B 105 -18.19 -14.02 0.37
N LYS B 106 -18.92 -13.38 -0.55
CA LYS B 106 -19.94 -14.10 -1.30
C LYS B 106 -19.44 -14.62 -2.64
N GLU B 107 -18.11 -14.67 -2.77
CA GLU B 107 -17.48 -15.16 -4.00
C GLU B 107 -18.02 -14.43 -5.23
N MET B 108 -18.11 -13.11 -5.16
CA MET B 108 -18.43 -12.33 -6.33
C MET B 108 -17.23 -11.43 -6.61
N GLN B 109 -16.22 -12.02 -7.24
CA GLN B 109 -14.98 -11.28 -7.47
C GLN B 109 -15.14 -10.15 -8.47
N VAL B 110 -15.96 -10.35 -9.51
CA VAL B 110 -16.12 -9.31 -10.52
C VAL B 110 -16.76 -8.03 -9.96
N LEU B 111 -17.57 -8.15 -8.90
CA LEU B 111 -18.19 -6.93 -8.29
C LEU B 111 -17.14 -6.02 -7.70
N VAL B 112 -16.05 -6.62 -7.26
CA VAL B 112 -14.97 -5.82 -6.67
C VAL B 112 -14.42 -4.72 -7.59
N SER B 113 -14.11 -5.05 -8.84
CA SER B 113 -13.65 -3.97 -9.73
C SER B 113 -14.79 -3.05 -10.16
N ARG B 114 -16.00 -3.57 -10.25
CA ARG B 114 -17.13 -2.70 -10.52
C ARG B 114 -17.31 -1.63 -9.44
N ILE B 115 -17.23 -2.05 -8.18
CA ILE B 115 -17.38 -1.13 -7.03
C ILE B 115 -16.32 -0.02 -7.07
N ALA B 116 -15.07 -0.41 -7.30
CA ALA B 116 -13.98 0.54 -7.46
C ALA B 116 -14.30 1.65 -8.50
N ALA B 117 -14.76 1.23 -9.67
CA ALA B 117 -15.16 2.16 -10.71
C ALA B 117 -16.35 3.03 -10.31
N TRP B 118 -17.31 2.47 -9.57
CA TRP B 118 -18.42 3.27 -9.07
C TRP B 118 -17.93 4.36 -8.15
N MET B 119 -16.95 4.01 -7.34
CA MET B 119 -16.38 4.93 -6.39
C MET B 119 -15.61 6.02 -7.08
N ALA B 120 -14.81 5.64 -8.07
CA ALA B 120 -14.02 6.62 -8.81
C ALA B 120 -14.98 7.55 -9.56
N THR B 121 -15.99 6.97 -10.21
CA THR B 121 -17.00 7.76 -10.90
C THR B 121 -17.65 8.74 -9.92
N TYR B 122 -18.12 8.24 -8.77
CA TYR B 122 -18.76 9.13 -7.79
C TYR B 122 -17.81 10.21 -7.27
N LEU B 123 -16.55 9.86 -7.03
CA LEU B 123 -15.58 10.86 -6.60
C LEU B 123 -15.37 11.92 -7.66
N ASN B 124 -15.10 11.50 -8.88
CA ASN B 124 -14.79 12.46 -9.93
C ASN B 124 -15.98 13.36 -10.24
N ASP B 125 -17.18 12.78 -10.25
CA ASP B 125 -18.41 13.48 -10.63
C ASP B 125 -19.05 14.33 -9.54
N HIS B 126 -19.11 13.81 -8.31
CA HIS B 126 -19.88 14.46 -7.25
C HIS B 126 -19.04 15.05 -6.12
N LEU B 127 -17.82 14.56 -5.93
CA LEU B 127 -17.02 14.96 -4.77
C LEU B 127 -15.86 15.88 -5.09
N GLU B 128 -15.28 15.69 -6.27
CA GLU B 128 -14.11 16.46 -6.68
C GLU B 128 -14.25 17.99 -6.54
N PRO B 129 -15.42 18.55 -6.94
CA PRO B 129 -15.56 20.02 -6.81
C PRO B 129 -15.41 20.53 -5.36
N TRP B 130 -16.18 19.99 -4.42
CA TRP B 130 -15.97 20.27 -3.00
C TRP B 130 -14.52 20.01 -2.57
N ILE B 131 -13.93 18.90 -3.00
CA ILE B 131 -12.55 18.63 -2.55
C ILE B 131 -11.66 19.77 -3.00
N GLN B 132 -11.74 20.09 -4.29
CA GLN B 132 -10.90 21.16 -4.80
C GLN B 132 -11.17 22.47 -4.06
N GLU B 133 -12.45 22.76 -3.80
CA GLU B 133 -12.79 24.02 -3.16
C GLU B 133 -12.43 24.02 -1.69
N ASN B 134 -12.18 22.85 -1.11
CA ASN B 134 -11.82 22.81 0.31
C ASN B 134 -10.36 22.47 0.57
N GLY B 135 -9.52 22.70 -0.45
CA GLY B 135 -8.09 22.64 -0.28
C GLY B 135 -7.38 21.39 -0.75
N GLY B 136 -8.12 20.48 -1.38
CA GLY B 136 -7.47 19.30 -1.95
C GLY B 136 -7.05 18.30 -0.89
N TRP B 137 -6.71 17.10 -1.34
CA TRP B 137 -6.32 16.03 -0.43
C TRP B 137 -5.14 16.47 0.41
N ASP B 138 -4.38 17.42 -0.12
CA ASP B 138 -3.24 18.01 0.60
C ASP B 138 -3.71 18.64 1.91
N THR B 139 -4.86 19.31 1.85
CA THR B 139 -5.47 19.87 3.05
C THR B 139 -6.04 18.79 3.97
N PHE B 140 -6.58 17.71 3.40
CA PHE B 140 -6.99 16.56 4.23
C PHE B 140 -5.85 16.04 5.08
N VAL B 141 -4.68 15.89 4.44
CA VAL B 141 -3.48 15.41 5.13
C VAL B 141 -3.08 16.38 6.26
N GLU B 142 -3.11 17.67 5.99
CA GLU B 142 -2.85 18.67 7.03
C GLU B 142 -3.76 18.49 8.26
N LEU B 143 -5.06 18.46 8.02
CA LEU B 143 -6.05 18.31 9.09
C LEU B 143 -5.97 16.98 9.84
N TYR B 144 -5.99 15.86 9.12
CA TYR B 144 -6.26 14.58 9.77
C TYR B 144 -5.17 13.55 9.55
N GLY B 145 -4.07 13.97 8.92
CA GLY B 145 -2.97 13.07 8.62
C GLY B 145 -2.35 12.45 9.88
#